data_6X05
#
_entry.id   6X05
#
_cell.length_a   93.381
_cell.length_b   154.693
_cell.length_c   41.423
_cell.angle_alpha   90.000
_cell.angle_beta   90.000
_cell.angle_gamma   90.000
#
_symmetry.space_group_name_H-M   'P 21 21 2'
#
loop_
_entity.id
_entity.type
_entity.pdbx_description
1 polymer 'Nucleoporin NUP133'
2 polymer VHH-SAN4
3 water water
#
loop_
_entity_poly.entity_id
_entity_poly.type
_entity_poly.pdbx_seq_one_letter_code
_entity_poly.pdbx_strand_id
1 'polypeptide(L)'
;GFDNSKVFTENNRYIVKTLQTDYSSGFSNDDELNGYIDMQIGYGLVNDHKKVYIWNIHSTQKDTPYITVPFRSDDNDEIA
VAPRCILTFPATMDESPLALNPNDQDETGGLIIIKGSKAIYYEDINSINNLNFKLSEKFSHELELPINSSGGEKCDLMLN
CEPAGIVLSTNMGRIFFITIRNSMGKPQLKLGKLLNKPFKLGIWSKIFNTNSSVVSLRNGPILGKGTRLVYITTNKGIFQ
TWQLSATNSHPTKLIDVNIYEAILESLQDLYPFAHGTLKIWDSHPLQDESSQLFLSSIYDSSCNETYYILSTIIFDSSSN
SFTIFSTYRLNTFMESITDTKFKPKIFIPQMENANDTNEVTSILVMFPNAVVITQVNSKLDSSYSMRRKWEDIVSLRNDI
DIIGSGYDSKSLYVLTKQMGVLQFFVKE
;
A
2 'polypeptide(L)'
;QLQLVESGGGSVQAGGSLTLSCTASESISKRIHGIGWFRQRRGEQREEIAYITTGGRPNLGDSVKDRFTISRDKSNGTVY
LQMNSLKPEDTAVYYCHGRGRWWGTEGRLDYWGQGTQVTVSS
;
K
#
# COMPACT_ATOMS: atom_id res chain seq x y z
N SER A 5 -28.87 7.83 10.16
CA SER A 5 -30.16 8.05 10.80
C SER A 5 -30.55 6.88 11.71
N LYS A 6 -29.99 5.70 11.44
CA LYS A 6 -30.17 4.53 12.30
C LYS A 6 -28.81 4.09 12.81
N VAL A 7 -28.60 4.17 14.13
CA VAL A 7 -27.36 3.73 14.76
C VAL A 7 -27.52 2.27 15.19
N PHE A 8 -26.66 1.40 14.67
CA PHE A 8 -26.72 -0.01 15.03
C PHE A 8 -25.85 -0.36 16.23
N THR A 9 -24.71 0.33 16.40
CA THR A 9 -23.92 0.18 17.62
C THR A 9 -23.17 1.48 17.88
N GLU A 10 -23.11 1.90 19.13
CA GLU A 10 -22.23 2.97 19.55
C GLU A 10 -21.58 2.54 20.85
N ASN A 11 -20.26 2.47 20.86
CA ASN A 11 -19.57 2.26 22.13
C ASN A 11 -18.43 3.28 22.19
N ASN A 12 -17.49 3.12 23.11
CA ASN A 12 -16.50 4.17 23.25
C ASN A 12 -15.43 4.10 22.15
N ARG A 13 -15.41 3.04 21.35
CA ARG A 13 -14.51 2.90 20.23
C ARG A 13 -15.12 3.35 18.89
N TYR A 14 -16.39 3.08 18.64
CA TYR A 14 -16.90 3.38 17.30
C TYR A 14 -18.40 3.51 17.28
N ILE A 15 -18.89 4.07 16.19
CA ILE A 15 -20.30 4.10 15.84
C ILE A 15 -20.44 3.44 14.48
N VAL A 16 -21.42 2.55 14.33
CA VAL A 16 -21.83 2.03 13.03
C VAL A 16 -23.29 2.44 12.83
N LYS A 17 -23.56 3.11 11.72
CA LYS A 17 -24.92 3.58 11.46
C LYS A 17 -25.15 3.61 9.95
N THR A 18 -26.44 3.71 9.58
CA THR A 18 -26.77 3.95 8.17
C THR A 18 -26.51 5.38 7.78
N LEU A 19 -26.25 5.58 6.50
CA LEU A 19 -26.26 6.89 5.89
C LEU A 19 -27.40 6.89 4.87
N GLN A 20 -28.46 7.65 5.14
CA GLN A 20 -29.56 7.74 4.21
C GLN A 20 -29.08 8.44 2.96
N THR A 21 -29.18 7.75 1.82
CA THR A 21 -28.79 8.31 0.53
C THR A 21 -29.86 7.93 -0.48
N ASP A 22 -29.66 8.37 -1.72
CA ASP A 22 -30.54 8.00 -2.82
C ASP A 22 -30.19 6.63 -3.42
N TYR A 23 -29.24 5.89 -2.84
CA TYR A 23 -28.99 4.54 -3.30
C TYR A 23 -30.25 3.70 -3.14
N SER A 24 -30.53 2.85 -4.12
CA SER A 24 -31.64 1.91 -4.04
C SER A 24 -31.19 0.52 -4.44
N SER A 25 -31.58 -0.48 -3.64
CA SER A 25 -31.21 -1.86 -3.96
C SER A 25 -31.98 -2.43 -5.13
N GLY A 26 -32.89 -1.67 -5.74
CA GLY A 26 -33.65 -2.17 -6.87
C GLY A 26 -33.32 -1.45 -8.16
N PHE A 27 -32.12 -0.89 -8.24
CA PHE A 27 -31.68 -0.28 -9.50
C PHE A 27 -31.62 -1.30 -10.62
N SER A 28 -31.32 -2.55 -10.29
CA SER A 28 -31.01 -3.54 -11.31
C SER A 28 -31.60 -4.89 -10.92
N ASN A 29 -31.93 -5.68 -11.94
CA ASN A 29 -32.31 -7.07 -11.78
C ASN A 29 -31.10 -7.99 -11.71
N ASP A 30 -29.91 -7.42 -11.54
CA ASP A 30 -28.64 -8.12 -11.70
C ASP A 30 -27.96 -8.22 -10.34
N ASP A 31 -27.59 -9.45 -9.97
CA ASP A 31 -26.97 -9.68 -8.66
C ASP A 31 -25.60 -9.03 -8.57
N GLU A 32 -24.81 -9.10 -9.64
CA GLU A 32 -23.46 -8.58 -9.68
C GLU A 32 -23.50 -7.07 -9.89
N LEU A 33 -23.06 -6.31 -8.89
CA LEU A 33 -23.03 -4.86 -9.01
C LEU A 33 -21.63 -4.35 -8.71
N ASN A 34 -21.10 -3.56 -9.63
CA ASN A 34 -19.92 -2.73 -9.38
C ASN A 34 -20.39 -1.39 -8.84
N GLY A 35 -19.52 -0.72 -8.09
CA GLY A 35 -19.89 0.58 -7.58
C GLY A 35 -18.90 1.09 -6.58
N TYR A 36 -19.09 2.35 -6.18
CA TYR A 36 -18.30 2.91 -5.09
C TYR A 36 -19.01 4.22 -4.73
N ILE A 37 -18.49 4.89 -3.71
CA ILE A 37 -19.05 6.16 -3.24
C ILE A 37 -17.95 7.20 -3.28
N ASP A 38 -18.26 8.38 -3.83
CA ASP A 38 -17.35 9.51 -3.75
C ASP A 38 -17.97 10.58 -2.85
N MET A 39 -17.57 10.55 -1.58
CA MET A 39 -18.05 11.53 -0.61
C MET A 39 -17.66 12.95 -0.97
N GLN A 40 -16.54 13.12 -1.67
CA GLN A 40 -16.09 14.47 -1.96
C GLN A 40 -16.89 15.09 -3.08
N ILE A 41 -17.27 14.28 -4.07
CA ILE A 41 -18.13 14.78 -5.14
C ILE A 41 -19.59 14.82 -4.68
N GLY A 42 -19.97 13.92 -3.78
CA GLY A 42 -21.31 13.91 -3.26
C GLY A 42 -22.24 12.97 -3.98
N TYR A 43 -21.71 11.97 -4.67
CA TYR A 43 -22.55 11.07 -5.44
C TYR A 43 -21.99 9.67 -5.32
N GLY A 44 -22.87 8.69 -5.41
CA GLY A 44 -22.49 7.31 -5.50
C GLY A 44 -22.84 6.76 -6.87
N LEU A 45 -22.29 5.59 -7.16
CA LEU A 45 -22.46 4.97 -8.46
C LEU A 45 -22.54 3.47 -8.28
N VAL A 46 -23.47 2.83 -9.00
CA VAL A 46 -23.44 1.39 -9.24
C VAL A 46 -23.66 1.16 -10.72
N ASN A 47 -23.10 0.08 -11.25
CA ASN A 47 -23.44 -0.31 -12.61
C ASN A 47 -23.53 -1.83 -12.68
N ASP A 48 -24.32 -2.30 -13.64
CA ASP A 48 -24.40 -3.69 -14.03
C ASP A 48 -23.78 -3.84 -15.43
N HIS A 49 -24.30 -4.76 -16.22
CA HIS A 49 -23.80 -4.96 -17.56
C HIS A 49 -24.49 -4.08 -18.59
N LYS A 50 -25.44 -3.23 -18.17
CA LYS A 50 -26.22 -2.42 -19.12
C LYS A 50 -26.11 -0.94 -18.87
N LYS A 51 -26.15 -0.53 -17.60
CA LYS A 51 -26.40 0.85 -17.23
C LYS A 51 -25.60 1.18 -15.98
N VAL A 52 -25.17 2.43 -15.91
CA VAL A 52 -24.63 3.00 -14.68
C VAL A 52 -25.72 3.82 -14.01
N TYR A 53 -25.80 3.72 -12.68
CA TYR A 53 -26.81 4.39 -11.87
C TYR A 53 -26.10 5.35 -10.94
N ILE A 54 -26.35 6.65 -11.11
CA ILE A 54 -25.67 7.66 -10.32
C ILE A 54 -26.68 8.28 -9.37
N TRP A 55 -26.35 8.28 -8.08
CA TRP A 55 -27.31 8.67 -7.05
C TRP A 55 -26.63 9.64 -6.07
N ASN A 56 -27.41 10.64 -5.65
CA ASN A 56 -26.94 11.60 -4.66
C ASN A 56 -26.75 10.94 -3.30
N ILE A 57 -25.72 11.34 -2.55
CA ILE A 57 -25.62 10.88 -1.17
C ILE A 57 -26.55 11.66 -0.25
N HIS A 58 -26.95 12.88 -0.63
CA HIS A 58 -27.92 13.65 0.15
C HIS A 58 -29.26 13.59 -0.57
N SER A 59 -30.22 12.93 0.06
CA SER A 59 -31.57 12.80 -0.48
C SER A 59 -32.20 14.15 -0.76
N TYR A 66 -32.69 9.81 -9.48
CA TYR A 66 -31.31 9.43 -9.78
C TYR A 66 -31.08 9.44 -11.28
N ILE A 67 -29.86 9.17 -11.70
CA ILE A 67 -29.45 9.37 -13.09
C ILE A 67 -29.01 8.03 -13.66
N THR A 68 -29.62 7.63 -14.77
CA THR A 68 -29.37 6.37 -15.43
C THR A 68 -28.68 6.65 -16.75
N VAL A 69 -27.52 6.06 -16.97
CA VAL A 69 -26.77 6.24 -18.19
C VAL A 69 -26.60 4.88 -18.86
N PRO A 70 -27.41 4.56 -19.86
CA PRO A 70 -27.19 3.32 -20.62
C PRO A 70 -25.91 3.43 -21.43
N PHE A 71 -25.12 2.37 -21.41
CA PHE A 71 -23.90 2.35 -22.21
C PHE A 71 -23.89 1.25 -23.26
N ARG A 72 -25.00 0.57 -23.47
CA ARG A 72 -25.05 -0.52 -24.44
C ARG A 72 -26.09 -0.26 -25.53
N ALA A 80 -21.54 -9.29 -22.76
CA ALA A 80 -20.63 -8.23 -22.35
C ALA A 80 -20.25 -8.36 -20.87
N VAL A 81 -19.04 -7.92 -20.53
CA VAL A 81 -18.60 -7.83 -19.15
C VAL A 81 -18.83 -6.40 -18.67
N ALA A 82 -18.72 -6.20 -17.36
CA ALA A 82 -19.12 -4.92 -16.78
C ALA A 82 -18.02 -3.88 -17.00
N PRO A 83 -18.38 -2.66 -17.41
CA PRO A 83 -17.38 -1.59 -17.49
C PRO A 83 -16.95 -1.15 -16.10
N ARG A 84 -15.95 -0.28 -16.08
CA ARG A 84 -15.45 0.36 -14.88
C ARG A 84 -15.75 1.84 -14.97
N CYS A 85 -16.36 2.41 -13.92
CA CYS A 85 -16.84 3.78 -13.96
C CYS A 85 -16.31 4.57 -12.76
N ILE A 86 -16.06 5.84 -13.00
CA ILE A 86 -15.60 6.77 -11.98
C ILE A 86 -16.29 8.12 -12.21
N LEU A 87 -16.56 8.82 -11.11
CA LEU A 87 -17.15 10.15 -11.18
C LEU A 87 -16.07 11.22 -11.19
N THR A 88 -16.37 12.36 -11.81
CA THR A 88 -15.45 13.49 -11.86
C THR A 88 -16.09 14.72 -11.23
N PHE A 89 -15.25 15.67 -10.84
CA PHE A 89 -15.77 16.85 -10.19
C PHE A 89 -16.39 17.79 -11.22
N PRO A 90 -17.34 18.63 -10.81
CA PRO A 90 -17.86 19.65 -11.73
C PRO A 90 -16.77 20.62 -12.13
N ALA A 91 -16.98 21.27 -13.28
CA ALA A 91 -16.02 22.24 -13.78
C ALA A 91 -15.98 23.45 -12.85
N THR A 92 -14.96 23.52 -12.00
CA THR A 92 -14.80 24.62 -11.06
C THR A 92 -14.00 25.74 -11.70
N MET A 93 -14.40 26.98 -11.40
CA MET A 93 -13.67 28.17 -11.83
C MET A 93 -13.26 28.92 -10.56
N ASP A 94 -12.14 28.50 -9.97
CA ASP A 94 -11.70 29.06 -8.70
C ASP A 94 -11.29 30.52 -8.88
N GLU A 95 -11.83 31.39 -8.02
CA GLU A 95 -11.43 32.80 -7.89
C GLU A 95 -11.66 33.58 -9.19
N SER A 96 -12.94 33.71 -9.52
CA SER A 96 -13.37 34.51 -10.65
C SER A 96 -13.84 35.88 -10.17
N PRO A 97 -13.58 36.93 -10.93
CA PRO A 97 -14.16 38.24 -10.62
C PRO A 97 -15.65 38.33 -10.95
N LEU A 98 -16.22 37.38 -11.68
CA LEU A 98 -17.58 37.50 -12.17
C LEU A 98 -18.59 37.02 -11.13
N ALA A 99 -19.78 37.62 -11.15
CA ALA A 99 -20.89 37.05 -10.39
C ALA A 99 -21.15 35.62 -10.86
N LEU A 100 -21.51 34.72 -9.95
CA LEU A 100 -21.81 33.37 -10.38
C LEU A 100 -23.11 33.34 -11.17
N ASN A 101 -23.16 32.45 -12.15
CA ASN A 101 -24.38 32.25 -12.92
C ASN A 101 -25.46 31.61 -12.06
N PRO A 102 -26.74 31.90 -12.34
CA PRO A 102 -27.79 30.97 -11.87
C PRO A 102 -27.58 29.54 -12.32
N ASN A 103 -27.29 29.32 -13.62
CA ASN A 103 -27.26 27.96 -14.18
C ASN A 103 -26.02 27.17 -13.78
N ASP A 104 -24.95 27.82 -13.32
CA ASP A 104 -23.75 27.11 -12.92
C ASP A 104 -23.90 26.41 -11.56
N GLN A 105 -24.98 26.69 -10.83
CA GLN A 105 -25.24 26.02 -9.56
C GLN A 105 -26.03 24.72 -9.74
N ASP A 106 -26.13 24.22 -10.97
CA ASP A 106 -26.82 22.96 -11.24
C ASP A 106 -25.92 21.88 -11.83
N GLU A 107 -24.72 22.23 -12.29
CA GLU A 107 -23.74 21.22 -12.68
C GLU A 107 -23.40 20.29 -11.50
N THR A 108 -23.47 18.99 -11.77
CA THR A 108 -23.31 17.96 -10.77
C THR A 108 -21.99 17.21 -10.87
N GLY A 109 -21.23 17.41 -11.95
CA GLY A 109 -20.02 16.64 -12.19
C GLY A 109 -20.21 15.66 -13.34
N GLY A 110 -19.13 14.93 -13.62
CA GLY A 110 -19.11 14.08 -14.78
C GLY A 110 -18.90 12.60 -14.54
N LEU A 111 -18.72 11.86 -15.61
CA LEU A 111 -18.70 10.40 -15.54
C LEU A 111 -17.74 9.90 -16.61
N ILE A 112 -16.87 8.98 -16.22
CA ILE A 112 -15.98 8.30 -17.15
C ILE A 112 -16.30 6.82 -17.12
N ILE A 113 -16.50 6.24 -18.30
CA ILE A 113 -16.77 4.82 -18.44
C ILE A 113 -15.63 4.20 -19.24
N ILE A 114 -15.03 3.16 -18.70
CA ILE A 114 -14.01 2.39 -19.42
C ILE A 114 -14.70 1.14 -19.91
N LYS A 115 -15.07 1.14 -21.19
CA LYS A 115 -15.66 -0.04 -21.85
C LYS A 115 -14.56 -0.67 -22.71
N GLY A 116 -14.05 -1.81 -22.26
CA GLY A 116 -12.99 -2.45 -23.01
C GLY A 116 -11.79 -1.54 -23.11
N SER A 117 -11.38 -1.23 -24.34
CA SER A 117 -10.26 -0.32 -24.56
C SER A 117 -10.71 1.11 -24.84
N LYS A 118 -12.00 1.41 -24.69
CA LYS A 118 -12.50 2.75 -24.97
C LYS A 118 -12.86 3.45 -23.66
N ALA A 119 -12.24 4.61 -23.44
CA ALA A 119 -12.61 5.52 -22.37
C ALA A 119 -13.67 6.49 -22.88
N ILE A 120 -14.76 6.62 -22.13
CA ILE A 120 -15.83 7.54 -22.47
C ILE A 120 -16.00 8.51 -21.32
N TYR A 121 -15.97 9.81 -21.62
CA TYR A 121 -16.07 10.84 -20.59
C TYR A 121 -17.24 11.76 -20.90
N TYR A 122 -18.21 11.80 -19.98
CA TYR A 122 -19.33 12.72 -20.03
C TYR A 122 -19.04 13.86 -19.06
N GLU A 123 -18.82 15.06 -19.60
CA GLU A 123 -18.49 16.20 -18.75
C GLU A 123 -19.59 16.49 -17.75
N ASP A 124 -20.84 16.29 -18.16
CA ASP A 124 -21.99 16.62 -17.32
C ASP A 124 -23.07 15.57 -17.50
N ILE A 125 -23.35 14.82 -16.44
CA ILE A 125 -24.28 13.70 -16.53
C ILE A 125 -25.72 14.16 -16.64
N ASN A 126 -25.99 15.43 -16.33
CA ASN A 126 -27.37 15.90 -16.31
C ASN A 126 -28.00 15.77 -17.68
N SER A 127 -27.24 16.00 -18.74
CA SER A 127 -27.80 16.07 -20.08
C SER A 127 -27.94 14.71 -20.76
N ILE A 128 -27.46 13.64 -20.13
CA ILE A 128 -27.48 12.31 -20.72
C ILE A 128 -28.42 11.36 -19.97
N ASN A 129 -29.17 11.86 -18.98
CA ASN A 129 -30.04 11.00 -18.20
C ASN A 129 -31.06 10.28 -19.08
N ASN A 130 -31.06 8.95 -18.99
CA ASN A 130 -31.98 8.07 -19.72
C ASN A 130 -31.81 8.13 -21.24
N LEU A 131 -30.74 8.71 -21.74
CA LEU A 131 -30.51 8.72 -23.17
C LEU A 131 -29.94 7.39 -23.61
N ASN A 132 -30.44 6.89 -24.74
CA ASN A 132 -29.86 5.69 -25.31
C ASN A 132 -28.42 5.96 -25.74
N PHE A 133 -27.60 4.92 -25.74
CA PHE A 133 -26.17 5.12 -25.92
C PHE A 133 -25.83 5.71 -27.28
N LYS A 134 -26.61 5.37 -28.31
CA LYS A 134 -26.34 5.89 -29.65
C LYS A 134 -26.17 7.39 -29.60
N LEU A 135 -27.10 8.04 -28.92
CA LEU A 135 -27.21 9.49 -28.95
C LEU A 135 -26.47 10.17 -27.81
N SER A 136 -26.38 9.53 -26.64
CA SER A 136 -25.64 10.17 -25.55
C SER A 136 -24.14 10.17 -25.83
N GLU A 137 -23.66 9.15 -26.57
CA GLU A 137 -22.26 9.10 -26.97
C GLU A 137 -21.82 10.38 -27.67
N LYS A 138 -22.75 11.05 -28.35
CA LYS A 138 -22.41 12.32 -29.00
C LYS A 138 -22.18 13.45 -28.02
N PHE A 139 -22.49 13.26 -26.74
CA PHE A 139 -22.18 14.26 -25.73
C PHE A 139 -20.82 14.03 -25.09
N SER A 140 -20.09 13.00 -25.50
CA SER A 140 -18.94 12.54 -24.76
C SER A 140 -17.64 12.94 -25.44
N HIS A 141 -16.56 12.89 -24.67
CA HIS A 141 -15.21 12.86 -25.20
C HIS A 141 -14.69 11.45 -25.01
N GLU A 142 -14.14 10.86 -26.07
CA GLU A 142 -13.65 9.50 -26.01
C GLU A 142 -12.16 9.42 -26.33
N LEU A 143 -11.55 8.38 -25.79
CA LEU A 143 -10.11 8.15 -25.87
C LEU A 143 -9.90 6.66 -26.02
N GLU A 144 -9.24 6.25 -27.10
CA GLU A 144 -8.91 4.84 -27.27
C GLU A 144 -7.63 4.55 -26.50
N LEU A 145 -7.71 3.65 -25.58
CA LEU A 145 -6.55 3.38 -24.77
C LEU A 145 -5.86 2.12 -25.29
N PRO A 146 -4.55 2.01 -25.11
CA PRO A 146 -3.88 0.81 -25.62
C PRO A 146 -4.09 -0.39 -24.70
N ILE A 147 -5.33 -0.88 -24.67
CA ILE A 147 -5.68 -2.04 -23.85
C ILE A 147 -5.88 -3.23 -24.76
N ASN A 148 -5.20 -4.33 -24.45
CA ASN A 148 -5.22 -5.56 -25.25
C ASN A 148 -6.44 -6.40 -24.85
N SER A 149 -7.61 -5.97 -25.33
CA SER A 149 -8.84 -6.70 -25.04
C SER A 149 -8.78 -8.11 -25.58
N SER A 150 -8.16 -8.30 -26.75
CA SER A 150 -7.99 -9.64 -27.32
C SER A 150 -7.27 -10.55 -26.32
N GLY A 151 -6.19 -10.07 -25.72
CA GLY A 151 -5.40 -10.90 -24.84
C GLY A 151 -5.96 -11.07 -23.46
N GLY A 152 -7.16 -10.53 -23.20
CA GLY A 152 -7.75 -10.58 -21.88
C GLY A 152 -7.45 -9.41 -20.97
N GLU A 153 -6.88 -8.33 -21.50
CA GLU A 153 -6.60 -7.15 -20.68
C GLU A 153 -7.89 -6.36 -20.44
N LYS A 154 -8.02 -5.82 -19.23
CA LYS A 154 -9.21 -5.06 -18.86
C LYS A 154 -8.82 -4.04 -17.79
N CYS A 155 -9.61 -2.98 -17.68
CA CYS A 155 -9.40 -1.98 -16.63
C CYS A 155 -9.63 -2.59 -15.25
N ASP A 156 -8.74 -2.27 -14.31
CA ASP A 156 -8.79 -2.82 -12.95
C ASP A 156 -9.14 -1.74 -11.92
N LEU A 157 -8.18 -0.92 -11.54
CA LEU A 157 -8.42 0.16 -10.60
C LEU A 157 -8.49 1.49 -11.33
N MET A 158 -9.24 2.42 -10.74
CA MET A 158 -9.34 3.78 -11.22
C MET A 158 -9.26 4.69 -10.01
N LEU A 159 -8.48 5.74 -10.13
CA LEU A 159 -8.40 6.78 -9.11
C LEU A 159 -8.74 8.11 -9.76
N ASN A 160 -9.64 8.85 -9.13
CA ASN A 160 -9.81 10.24 -9.48
C ASN A 160 -8.75 11.04 -8.72
N CYS A 161 -7.79 11.60 -9.45
CA CYS A 161 -6.73 12.38 -8.80
C CYS A 161 -6.77 13.83 -9.26
N GLU A 162 -7.97 14.35 -9.57
CA GLU A 162 -8.10 15.76 -9.86
C GLU A 162 -7.51 16.56 -8.69
N PRO A 163 -6.94 17.76 -8.95
CA PRO A 163 -6.92 18.49 -10.22
C PRO A 163 -5.95 17.96 -11.27
N ALA A 164 -5.16 16.94 -10.93
CA ALA A 164 -4.22 16.41 -11.91
C ALA A 164 -4.95 15.64 -13.01
N GLY A 165 -5.83 14.73 -12.63
CA GLY A 165 -6.58 13.99 -13.63
C GLY A 165 -7.05 12.66 -13.08
N ILE A 166 -6.81 11.59 -13.83
CA ILE A 166 -7.31 10.27 -13.50
C ILE A 166 -6.24 9.22 -13.80
N VAL A 167 -6.14 8.23 -12.92
CA VAL A 167 -5.17 7.14 -13.09
C VAL A 167 -5.94 5.84 -13.22
N LEU A 168 -5.61 5.07 -14.25
CA LEU A 168 -6.19 3.75 -14.50
C LEU A 168 -5.09 2.71 -14.41
N SER A 169 -5.42 1.55 -13.88
CA SER A 169 -4.55 0.40 -14.02
C SER A 169 -5.31 -0.73 -14.70
N THR A 170 -4.57 -1.63 -15.32
CA THR A 170 -5.16 -2.81 -15.96
C THR A 170 -4.75 -4.06 -15.19
N ASN A 171 -5.51 -5.14 -15.41
CA ASN A 171 -5.23 -6.41 -14.75
C ASN A 171 -3.84 -6.96 -15.10
N MET A 172 -3.17 -6.39 -16.10
CA MET A 172 -1.85 -6.83 -16.50
C MET A 172 -0.77 -5.81 -16.18
N GLY A 173 -1.02 -4.93 -15.21
CA GLY A 173 0.01 -4.12 -14.63
C GLY A 173 0.27 -2.80 -15.32
N ARG A 174 -0.45 -2.46 -16.37
CA ARG A 174 -0.20 -1.20 -17.05
C ARG A 174 -0.97 -0.07 -16.37
N ILE A 175 -0.36 1.11 -16.35
CA ILE A 175 -0.88 2.26 -15.62
C ILE A 175 -0.93 3.44 -16.56
N PHE A 176 -2.12 3.99 -16.75
CA PHE A 176 -2.30 5.17 -17.59
C PHE A 176 -2.62 6.37 -16.71
N PHE A 177 -1.94 7.47 -16.97
CA PHE A 177 -2.34 8.77 -16.45
C PHE A 177 -3.11 9.48 -17.54
N ILE A 178 -4.35 9.86 -17.24
CA ILE A 178 -5.25 10.45 -18.22
C ILE A 178 -5.66 11.83 -17.73
N THR A 179 -5.63 12.81 -18.63
CA THR A 179 -6.05 14.17 -18.30
C THR A 179 -7.42 14.41 -18.89
N ILE A 180 -8.25 15.14 -18.14
CA ILE A 180 -9.63 15.41 -18.54
C ILE A 180 -9.89 16.89 -18.73
N ARG A 181 -8.93 17.75 -18.44
CA ARG A 181 -8.93 19.15 -18.85
C ARG A 181 -7.65 19.45 -19.62
N ASN A 182 -7.67 20.53 -20.39
CA ASN A 182 -6.44 21.05 -20.96
C ASN A 182 -5.80 22.01 -19.96
N SER A 183 -4.99 22.95 -20.43
CA SER A 183 -4.42 23.96 -19.54
C SER A 183 -5.41 25.08 -19.21
N MET A 184 -6.62 25.06 -19.78
CA MET A 184 -7.61 26.12 -19.64
C MET A 184 -8.97 25.61 -19.15
N GLY A 185 -8.98 24.50 -18.40
CA GLY A 185 -10.22 24.01 -17.81
C GLY A 185 -11.26 23.43 -18.75
N LYS A 186 -10.97 23.41 -20.07
CA LYS A 186 -11.96 22.85 -20.98
C LYS A 186 -11.86 21.33 -21.04
N PRO A 187 -13.00 20.63 -21.01
CA PRO A 187 -12.96 19.17 -20.95
C PRO A 187 -12.29 18.56 -22.18
N GLN A 188 -11.46 17.56 -21.94
CA GLN A 188 -10.83 16.76 -22.98
C GLN A 188 -10.66 15.37 -22.40
N LEU A 189 -10.02 14.50 -23.17
CA LEU A 189 -9.69 13.17 -22.69
C LEU A 189 -8.41 12.78 -23.41
N LYS A 190 -7.28 12.92 -22.73
CA LYS A 190 -5.98 12.67 -23.34
C LYS A 190 -5.18 11.70 -22.48
N LEU A 191 -4.47 10.79 -23.14
CA LEU A 191 -3.50 9.93 -22.48
C LEU A 191 -2.26 10.78 -22.21
N GLY A 192 -2.06 11.14 -20.94
CA GLY A 192 -0.88 11.92 -20.58
C GLY A 192 0.39 11.09 -20.55
N LYS A 193 0.33 9.92 -19.92
CA LYS A 193 1.54 9.10 -19.84
C LYS A 193 1.19 7.68 -19.40
N LEU A 194 1.94 6.72 -19.94
CA LEU A 194 2.03 5.38 -19.35
C LEU A 194 3.04 5.42 -18.20
N LEU A 195 2.60 5.09 -17.00
CA LEU A 195 3.45 5.10 -15.81
C LEU A 195 4.15 3.76 -15.59
N ASN A 196 4.63 3.11 -16.64
CA ASN A 196 5.38 1.85 -16.49
C ASN A 196 6.81 1.97 -17.02
N ASN A 211 -0.04 -11.20 -14.44
CA ASN A 211 1.23 -11.39 -13.73
C ASN A 211 1.41 -10.33 -12.64
N SER A 212 1.92 -9.17 -13.04
CA SER A 212 2.04 -8.02 -12.17
C SER A 212 0.75 -7.20 -12.20
N SER A 213 0.45 -6.55 -11.07
CA SER A 213 -0.81 -5.82 -10.96
C SER A 213 -0.73 -4.81 -9.83
N VAL A 214 -1.40 -3.68 -10.02
CA VAL A 214 -1.48 -2.64 -9.01
C VAL A 214 -2.49 -3.06 -7.95
N VAL A 215 -2.12 -2.91 -6.67
CA VAL A 215 -3.09 -3.19 -5.60
C VAL A 215 -3.61 -1.94 -4.96
N SER A 216 -2.96 -0.80 -5.14
CA SER A 216 -3.45 0.40 -4.49
C SER A 216 -3.10 1.60 -5.34
N LEU A 217 -4.09 2.46 -5.57
CA LEU A 217 -3.92 3.79 -6.13
C LEU A 217 -4.47 4.77 -5.11
N ARG A 218 -3.63 5.68 -4.64
CA ARG A 218 -4.03 6.56 -3.54
C ARG A 218 -3.66 8.00 -3.84
N ASN A 219 -4.54 8.92 -3.45
CA ASN A 219 -4.25 10.34 -3.59
C ASN A 219 -3.28 10.82 -2.52
N GLY A 220 -2.31 11.64 -2.94
CA GLY A 220 -1.45 12.33 -2.02
C GLY A 220 -1.77 13.79 -2.00
N PRO A 221 -0.90 14.60 -1.41
CA PRO A 221 -1.20 16.03 -1.24
C PRO A 221 -1.20 16.78 -2.56
N ILE A 222 -2.10 17.76 -2.64
CA ILE A 222 -2.09 18.73 -3.73
C ILE A 222 -0.87 19.64 -3.60
N LEU A 223 -0.22 19.90 -4.72
CA LEU A 223 1.02 20.69 -4.73
C LEU A 223 0.85 22.05 -5.37
N GLY A 224 -0.35 22.39 -5.79
CA GLY A 224 -0.62 23.66 -6.39
C GLY A 224 -1.52 23.48 -7.57
N LYS A 225 -1.52 24.51 -8.42
CA LYS A 225 -2.36 24.54 -9.62
C LYS A 225 -2.22 23.24 -10.41
N GLY A 226 -3.29 22.44 -10.40
CA GLY A 226 -3.40 21.26 -11.23
C GLY A 226 -2.46 20.11 -10.91
N THR A 227 -1.85 20.09 -9.73
CA THR A 227 -0.78 19.14 -9.41
C THR A 227 -1.03 18.46 -8.07
N ARG A 228 -0.84 17.15 -8.03
CA ARG A 228 -0.94 16.44 -6.76
C ARG A 228 -0.09 15.18 -6.83
N LEU A 229 0.19 14.61 -5.68
CA LEU A 229 0.92 13.34 -5.62
C LEU A 229 -0.05 12.18 -5.65
N VAL A 230 0.39 11.07 -6.23
CA VAL A 230 -0.38 9.84 -6.25
C VAL A 230 0.56 8.70 -5.87
N TYR A 231 0.08 7.80 -4.99
CA TYR A 231 0.86 6.67 -4.51
C TYR A 231 0.40 5.38 -5.20
N ILE A 232 1.35 4.61 -5.73
CA ILE A 232 1.05 3.38 -6.44
C ILE A 232 1.79 2.22 -5.77
N THR A 233 1.04 1.17 -5.41
CA THR A 233 1.60 -0.05 -4.85
C THR A 233 1.23 -1.23 -5.75
N THR A 234 2.22 -2.05 -6.08
CA THR A 234 1.96 -3.27 -6.83
C THR A 234 2.06 -4.50 -5.92
N ASN A 235 1.57 -5.63 -6.43
CA ASN A 235 1.57 -6.84 -5.63
C ASN A 235 2.97 -7.42 -5.47
N LYS A 236 3.90 -7.04 -6.35
CA LYS A 236 5.32 -7.35 -6.21
C LYS A 236 5.99 -6.54 -5.11
N GLY A 237 5.30 -5.54 -4.54
CA GLY A 237 5.91 -4.71 -3.53
C GLY A 237 6.54 -3.44 -4.06
N ILE A 238 6.42 -3.16 -5.36
CA ILE A 238 6.88 -1.86 -5.87
C ILE A 238 5.99 -0.78 -5.29
N PHE A 239 6.62 0.23 -4.68
CA PHE A 239 5.92 1.42 -4.23
C PHE A 239 6.52 2.62 -4.94
N GLN A 240 5.64 3.46 -5.48
CA GLN A 240 6.05 4.64 -6.25
C GLN A 240 5.24 5.84 -5.79
N THR A 241 5.91 6.98 -5.67
CA THR A 241 5.25 8.26 -5.48
C THR A 241 5.38 9.06 -6.77
N TRP A 242 4.25 9.41 -7.38
CA TRP A 242 4.25 10.15 -8.64
C TRP A 242 3.74 11.56 -8.43
N GLN A 243 4.40 12.51 -9.08
CA GLN A 243 3.92 13.89 -9.16
C GLN A 243 3.22 14.07 -10.51
N LEU A 244 1.91 14.19 -10.48
CA LEU A 244 1.11 14.29 -11.71
C LEU A 244 0.51 15.68 -11.82
N SER A 245 0.37 16.14 -13.06
CA SER A 245 -0.14 17.48 -13.33
C SER A 245 -1.01 17.51 -14.57
N ALA A 246 -2.08 18.29 -14.50
CA ALA A 246 -2.73 18.72 -15.72
C ALA A 246 -2.04 19.92 -16.33
N THR A 247 -1.17 20.59 -15.55
CA THR A 247 -0.55 21.86 -15.94
C THR A 247 0.73 21.57 -16.71
N ASN A 248 0.56 21.15 -17.96
CA ASN A 248 1.61 21.03 -18.96
C ASN A 248 2.93 20.44 -18.45
N SER A 249 2.95 19.95 -17.21
CA SER A 249 4.14 19.34 -16.66
C SER A 249 4.09 17.85 -16.95
N HIS A 250 5.26 17.24 -17.02
CA HIS A 250 5.16 15.82 -17.32
C HIS A 250 5.54 14.98 -16.10
N PRO A 251 4.92 13.81 -15.95
CA PRO A 251 4.94 13.11 -14.66
C PRO A 251 6.36 12.80 -14.20
N THR A 252 6.54 12.87 -12.88
CA THR A 252 7.82 12.59 -12.22
C THR A 252 7.61 11.64 -11.06
N LYS A 253 8.50 10.65 -10.94
CA LYS A 253 8.56 9.77 -9.78
C LYS A 253 9.47 10.38 -8.72
N LEU A 254 8.95 10.56 -7.51
CA LEU A 254 9.74 11.03 -6.39
C LEU A 254 10.28 9.90 -5.53
N ILE A 255 9.68 8.71 -5.64
CA ILE A 255 10.05 7.52 -4.89
C ILE A 255 9.70 6.33 -5.76
N ASP A 256 10.61 5.35 -5.80
CA ASP A 256 10.47 4.15 -6.65
C ASP A 256 11.31 3.06 -5.98
N VAL A 257 10.68 2.34 -5.04
CA VAL A 257 11.35 1.34 -4.21
C VAL A 257 10.51 0.08 -4.19
N ASN A 258 11.14 -1.02 -3.80
CA ASN A 258 10.46 -2.30 -3.62
C ASN A 258 10.55 -2.73 -2.16
N ILE A 259 9.39 -2.92 -1.51
CA ILE A 259 9.32 -3.20 -0.08
C ILE A 259 9.11 -4.67 0.25
N TYR A 260 9.01 -5.54 -0.76
CA TYR A 260 8.58 -6.91 -0.49
C TYR A 260 9.56 -7.64 0.45
N GLU A 261 10.85 -7.64 0.11
CA GLU A 261 11.82 -8.39 0.91
C GLU A 261 11.94 -7.83 2.32
N ALA A 262 11.86 -6.50 2.46
CA ALA A 262 11.91 -5.89 3.80
C ALA A 262 10.73 -6.38 4.65
N ILE A 263 9.53 -6.43 4.08
CA ILE A 263 8.41 -6.93 4.87
C ILE A 263 8.58 -8.40 5.19
N LEU A 264 9.05 -9.18 4.23
CA LEU A 264 9.26 -10.59 4.46
C LEU A 264 10.27 -10.81 5.59
N GLU A 265 11.35 -10.02 5.59
CA GLU A 265 12.34 -10.16 6.64
C GLU A 265 11.76 -9.77 7.99
N SER A 266 10.83 -8.82 8.03
CA SER A 266 10.23 -8.43 9.30
C SER A 266 9.36 -9.53 9.91
N LEU A 267 9.04 -10.58 9.15
CA LEU A 267 8.09 -11.61 9.53
C LEU A 267 8.70 -13.00 9.66
N GLN A 268 9.81 -13.29 8.95
CA GLN A 268 10.23 -14.67 8.73
C GLN A 268 10.69 -15.38 10.00
N ASP A 269 11.13 -14.65 11.03
CA ASP A 269 11.66 -15.34 12.21
C ASP A 269 10.54 -15.98 13.02
N LEU A 270 9.45 -15.25 13.26
CA LEU A 270 8.33 -15.88 13.96
C LEU A 270 7.43 -16.68 13.02
N TYR A 271 7.39 -16.30 11.74
CA TYR A 271 6.44 -16.86 10.78
C TYR A 271 7.18 -17.30 9.52
N PRO A 272 7.92 -18.41 9.58
CA PRO A 272 8.69 -18.85 8.41
C PRO A 272 7.82 -19.20 7.24
N PHE A 273 6.53 -19.51 7.47
CA PHE A 273 5.61 -19.77 6.38
C PHE A 273 5.25 -18.51 5.60
N ALA A 274 5.73 -17.34 6.02
CA ALA A 274 5.62 -16.15 5.17
C ALA A 274 6.31 -16.33 3.82
N HIS A 275 7.36 -17.15 3.77
CA HIS A 275 8.07 -17.40 2.51
C HIS A 275 7.13 -18.13 1.56
N GLY A 276 6.88 -17.54 0.40
CA GLY A 276 5.94 -18.12 -0.54
C GLY A 276 4.47 -17.84 -0.27
N THR A 277 4.11 -17.15 0.82
CA THR A 277 2.72 -16.72 1.01
C THR A 277 2.54 -15.22 1.19
N LEU A 278 3.61 -14.45 1.40
CA LEU A 278 3.42 -13.01 1.65
C LEU A 278 2.74 -12.35 0.46
N LYS A 279 1.63 -11.68 0.71
CA LYS A 279 0.89 -11.04 -0.36
C LYS A 279 0.52 -9.63 0.09
N ILE A 280 0.75 -8.65 -0.78
CA ILE A 280 0.49 -7.26 -0.46
C ILE A 280 -0.89 -6.87 -0.99
N TRP A 281 -1.79 -6.42 -0.11
CA TRP A 281 -3.18 -6.18 -0.48
C TRP A 281 -3.53 -4.70 -0.66
N ASP A 282 -2.99 -3.81 0.16
CA ASP A 282 -3.37 -2.41 0.07
C ASP A 282 -2.31 -1.58 0.77
N SER A 283 -2.39 -0.27 0.57
CA SER A 283 -1.55 0.70 1.26
C SER A 283 -2.33 2.00 1.42
N HIS A 284 -1.88 2.81 2.37
CA HIS A 284 -2.58 4.04 2.71
C HIS A 284 -1.55 5.04 3.22
N PRO A 285 -1.56 6.28 2.75
CA PRO A 285 -0.64 7.27 3.31
C PRO A 285 -1.05 7.59 4.73
N LEU A 286 -0.06 7.99 5.52
CA LEU A 286 -0.26 8.50 6.86
C LEU A 286 -0.18 10.03 6.84
N GLN A 287 -0.57 10.64 7.96
CA GLN A 287 -0.49 12.08 8.23
C GLN A 287 0.74 12.78 7.65
N ASP A 288 1.93 12.38 8.08
CA ASP A 288 3.13 13.20 7.88
C ASP A 288 3.62 13.27 6.43
N GLU A 289 2.91 12.64 5.49
CA GLU A 289 3.25 12.68 4.06
C GLU A 289 4.51 11.92 3.69
N SER A 290 5.30 11.45 4.66
CA SER A 290 6.51 10.71 4.36
C SER A 290 6.41 9.23 4.74
N SER A 291 5.26 8.78 5.21
CA SER A 291 5.16 7.41 5.64
C SER A 291 3.87 6.81 5.07
N GLN A 292 3.89 5.48 4.94
CA GLN A 292 2.79 4.70 4.39
C GLN A 292 2.52 3.51 5.28
N LEU A 293 1.25 3.11 5.32
CA LEU A 293 0.85 1.88 5.97
C LEU A 293 0.47 0.85 4.91
N PHE A 294 1.00 -0.36 5.04
CA PHE A 294 0.75 -1.41 4.06
C PHE A 294 0.01 -2.55 4.72
N LEU A 295 -0.95 -3.12 4.00
CA LEU A 295 -1.71 -4.26 4.45
C LEU A 295 -1.28 -5.47 3.63
N SER A 296 -0.80 -6.51 4.32
CA SER A 296 -0.35 -7.75 3.69
C SER A 296 -0.99 -8.93 4.41
N SER A 297 -0.83 -10.12 3.82
CA SER A 297 -1.20 -11.34 4.53
C SER A 297 -0.15 -12.42 4.31
N ILE A 298 -0.11 -13.36 5.25
CA ILE A 298 0.68 -14.58 5.12
C ILE A 298 -0.24 -15.72 5.50
N TYR A 299 0.16 -16.95 5.16
CA TYR A 299 -0.73 -18.09 5.33
C TYR A 299 0.03 -19.28 5.90
N ASP A 300 -0.50 -19.84 6.99
CA ASP A 300 0.09 -21.02 7.63
C ASP A 300 -0.75 -22.22 7.24
N SER A 301 -0.22 -23.05 6.34
CA SER A 301 -1.03 -24.14 5.83
C SER A 301 -1.22 -25.25 6.86
N SER A 302 -0.43 -25.27 7.94
CA SER A 302 -0.59 -26.30 8.96
C SER A 302 -1.96 -26.20 9.64
N CYS A 303 -2.45 -24.99 9.86
CA CYS A 303 -3.69 -24.80 10.58
C CYS A 303 -4.68 -23.93 9.81
N ASN A 304 -4.44 -23.69 8.52
CA ASN A 304 -5.34 -22.93 7.66
C ASN A 304 -5.69 -21.58 8.27
N GLU A 305 -4.69 -20.86 8.74
CA GLU A 305 -4.90 -19.52 9.26
C GLU A 305 -4.24 -18.53 8.31
N THR A 306 -4.97 -17.48 7.95
CA THR A 306 -4.40 -16.33 7.24
C THR A 306 -4.14 -15.22 8.25
N TYR A 307 -2.95 -14.65 8.25
CA TYR A 307 -2.59 -13.59 9.19
C TYR A 307 -2.39 -12.30 8.42
N TYR A 308 -3.10 -11.24 8.84
CA TYR A 308 -3.05 -9.96 8.16
C TYR A 308 -2.07 -9.06 8.90
N ILE A 309 -1.22 -8.39 8.14
CA ILE A 309 -0.07 -7.67 8.69
C ILE A 309 -0.22 -6.20 8.36
N LEU A 310 -0.05 -5.34 9.36
CA LEU A 310 0.04 -3.89 9.14
C LEU A 310 1.49 -3.46 9.31
N SER A 311 2.12 -3.01 8.23
CA SER A 311 3.51 -2.57 8.23
C SER A 311 3.58 -1.06 8.03
N THR A 312 4.16 -0.34 8.98
CA THR A 312 4.34 1.10 8.86
C THR A 312 5.74 1.37 8.34
N ILE A 313 5.83 2.10 7.24
CA ILE A 313 7.09 2.31 6.53
C ILE A 313 7.34 3.80 6.37
N ILE A 314 8.56 4.22 6.71
CA ILE A 314 9.00 5.60 6.59
C ILE A 314 9.88 5.70 5.34
N PHE A 315 9.58 6.66 4.48
CA PHE A 315 10.31 6.81 3.22
C PHE A 315 11.16 8.06 3.26
N ASP A 316 12.41 7.95 2.82
CA ASP A 316 13.29 9.11 2.72
C ASP A 316 13.36 9.52 1.25
N SER A 317 12.71 10.64 0.91
CA SER A 317 12.65 11.12 -0.47
C SER A 317 14.03 11.50 -1.00
N SER A 318 14.92 11.99 -0.13
CA SER A 318 16.25 12.43 -0.56
C SER A 318 17.02 11.29 -1.22
N SER A 319 17.05 10.14 -0.56
CA SER A 319 17.91 9.03 -0.95
C SER A 319 17.12 7.87 -1.55
N ASN A 320 15.81 8.04 -1.73
CA ASN A 320 14.97 7.00 -2.28
C ASN A 320 15.12 5.70 -1.48
N SER A 321 14.91 5.80 -0.17
CA SER A 321 15.09 4.64 0.70
C SER A 321 14.01 4.65 1.76
N PHE A 322 13.91 3.54 2.49
CA PHE A 322 12.82 3.38 3.44
C PHE A 322 13.25 2.48 4.58
N THR A 323 12.44 2.47 5.64
CA THR A 323 12.65 1.59 6.76
C THR A 323 11.29 1.20 7.32
N ILE A 324 11.22 0.00 7.89
CA ILE A 324 9.99 -0.49 8.48
C ILE A 324 9.95 -0.03 9.93
N PHE A 325 9.04 0.88 10.24
CA PHE A 325 8.98 1.41 11.60
C PHE A 325 8.29 0.43 12.54
N SER A 326 7.27 -0.28 12.06
CA SER A 326 6.50 -1.12 12.96
C SER A 326 5.73 -2.15 12.15
N THR A 327 5.41 -3.26 12.81
CA THR A 327 4.74 -4.42 12.22
C THR A 327 3.72 -4.89 13.24
N TYR A 328 2.47 -5.08 12.83
CA TYR A 328 1.44 -5.62 13.72
C TYR A 328 0.65 -6.68 12.96
N ARG A 329 0.30 -7.75 13.67
N ARG A 329 0.27 -7.75 13.67
CA ARG A 329 -0.57 -8.77 13.12
CA ARG A 329 -0.57 -8.79 13.11
C ARG A 329 -1.97 -8.58 13.69
C ARG A 329 -1.97 -8.68 13.70
N LEU A 330 -2.98 -8.71 12.83
CA LEU A 330 -4.36 -8.64 13.30
C LEU A 330 -4.69 -9.91 14.05
N ASN A 331 -5.41 -9.76 15.17
CA ASN A 331 -5.79 -10.90 15.98
C ASN A 331 -7.26 -11.27 15.89
N THR A 332 -8.09 -10.42 15.31
CA THR A 332 -9.53 -10.66 15.39
C THR A 332 -10.10 -11.20 14.09
N PHE A 333 -9.29 -11.26 13.03
CA PHE A 333 -9.75 -11.72 11.72
C PHE A 333 -8.60 -12.48 11.07
N MET A 334 -8.79 -13.78 10.85
CA MET A 334 -7.78 -14.67 10.25
C MET A 334 -8.34 -15.45 9.07
N GLU A 335 -9.36 -14.93 8.38
CA GLU A 335 -9.99 -15.68 7.30
C GLU A 335 -9.28 -15.45 5.98
N SER A 336 -9.26 -16.48 5.15
CA SER A 336 -8.79 -16.26 3.79
C SER A 336 -9.83 -15.47 3.00
N ILE A 337 -9.36 -14.63 2.09
CA ILE A 337 -10.22 -13.96 1.13
C ILE A 337 -10.29 -14.87 -0.08
N THR A 338 -11.44 -15.50 -0.29
CA THR A 338 -11.62 -16.47 -1.37
C THR A 338 -12.35 -15.89 -2.57
N ASP A 339 -13.15 -14.84 -2.35
CA ASP A 339 -13.68 -14.02 -3.44
C ASP A 339 -12.51 -13.35 -4.17
N THR A 340 -12.23 -13.81 -5.39
CA THR A 340 -11.12 -13.26 -6.14
C THR A 340 -11.36 -11.81 -6.55
N LYS A 341 -12.62 -11.36 -6.51
CA LYS A 341 -12.89 -9.95 -6.83
C LYS A 341 -12.59 -9.04 -5.64
N PHE A 342 -12.95 -9.46 -4.42
CA PHE A 342 -12.88 -8.54 -3.29
C PHE A 342 -11.44 -8.16 -2.94
N LYS A 343 -11.21 -6.87 -2.76
CA LYS A 343 -9.91 -6.35 -2.36
C LYS A 343 -10.08 -5.60 -1.04
N PRO A 344 -9.46 -6.05 0.05
CA PRO A 344 -9.62 -5.34 1.34
C PRO A 344 -9.05 -3.94 1.25
N LYS A 345 -9.64 -3.02 2.02
CA LYS A 345 -9.19 -1.66 1.81
C LYS A 345 -9.00 -0.99 3.16
N ILE A 346 -7.90 -0.22 3.27
CA ILE A 346 -7.52 0.53 4.46
C ILE A 346 -8.27 1.85 4.46
N PHE A 347 -8.68 2.30 5.64
CA PHE A 347 -9.08 3.69 5.87
C PHE A 347 -8.36 4.22 7.10
N ILE A 348 -7.79 5.41 6.99
CA ILE A 348 -7.12 6.03 8.14
C ILE A 348 -7.71 7.42 8.31
N PRO A 349 -8.44 7.69 9.39
CA PRO A 349 -8.99 9.04 9.60
C PRO A 349 -7.88 10.08 9.63
N GLN A 350 -8.22 11.29 9.18
CA GLN A 350 -7.26 12.39 9.11
C GLN A 350 -7.38 13.27 10.34
N GLU A 359 -1.22 11.74 20.51
CA GLU A 359 -2.39 11.39 19.71
C GLU A 359 -2.46 9.88 19.43
N VAL A 360 -3.55 9.46 18.79
CA VAL A 360 -3.83 8.07 18.47
C VAL A 360 -3.99 7.95 16.96
N THR A 361 -3.51 6.85 16.40
CA THR A 361 -3.70 6.55 14.98
C THR A 361 -4.71 5.41 14.87
N SER A 362 -5.71 5.57 14.03
CA SER A 362 -6.75 4.56 13.83
C SER A 362 -6.60 3.97 12.45
N ILE A 363 -6.58 2.66 12.36
CA ILE A 363 -6.48 1.97 11.07
C ILE A 363 -7.68 1.04 10.93
N LEU A 364 -8.53 1.32 9.94
CA LEU A 364 -9.65 0.44 9.63
C LEU A 364 -9.29 -0.39 8.41
N VAL A 365 -9.66 -1.66 8.46
CA VAL A 365 -9.50 -2.53 7.31
C VAL A 365 -10.87 -3.12 6.99
N MET A 366 -11.33 -2.90 5.77
CA MET A 366 -12.61 -3.48 5.37
C MET A 366 -12.36 -4.81 4.66
N PHE A 367 -12.93 -5.87 5.23
CA PHE A 367 -12.93 -7.22 4.72
C PHE A 367 -14.32 -7.52 4.15
N PRO A 368 -14.51 -8.68 3.49
CA PRO A 368 -15.82 -8.89 2.83
C PRO A 368 -17.02 -8.79 3.79
N ASN A 369 -16.88 -9.24 5.04
CA ASN A 369 -18.01 -9.18 5.95
C ASN A 369 -17.56 -8.76 7.34
N ALA A 370 -16.54 -7.91 7.43
CA ALA A 370 -16.16 -7.35 8.71
C ALA A 370 -15.33 -6.09 8.46
N VAL A 371 -15.31 -5.24 9.47
CA VAL A 371 -14.40 -4.11 9.51
C VAL A 371 -13.58 -4.27 10.79
N VAL A 372 -12.27 -4.36 10.65
CA VAL A 372 -11.40 -4.47 11.81
C VAL A 372 -10.83 -3.09 12.13
N ILE A 373 -10.87 -2.71 13.39
CA ILE A 373 -10.39 -1.42 13.85
C ILE A 373 -9.15 -1.64 14.69
N THR A 374 -8.03 -1.06 14.27
CA THR A 374 -6.81 -1.07 15.06
C THR A 374 -6.43 0.35 15.47
N GLN A 375 -6.04 0.51 16.73
CA GLN A 375 -5.59 1.79 17.22
C GLN A 375 -4.23 1.61 17.89
N VAL A 376 -3.38 2.64 17.78
CA VAL A 376 -2.04 2.66 18.35
C VAL A 376 -1.74 4.06 18.84
N ASN A 377 -0.85 4.16 19.82
CA ASN A 377 -0.32 5.46 20.23
C ASN A 377 0.51 6.06 19.10
N SER A 378 0.08 7.21 18.59
CA SER A 378 0.54 7.73 17.29
C SER A 378 2.06 7.84 17.15
N ARG A 388 1.57 0.35 22.62
CA ARG A 388 0.63 -0.73 22.81
C ARG A 388 -0.27 -0.60 21.56
N LYS A 389 -0.73 -1.72 21.01
CA LYS A 389 -1.77 -1.72 19.99
C LYS A 389 -3.03 -2.34 20.60
N TRP A 390 -4.22 -1.95 20.10
CA TRP A 390 -5.44 -2.67 20.48
C TRP A 390 -6.39 -2.74 19.29
N GLU A 391 -7.33 -3.68 19.35
CA GLU A 391 -8.04 -4.08 18.14
C GLU A 391 -9.49 -4.42 18.44
N ASP A 392 -10.41 -3.88 17.64
CA ASP A 392 -11.83 -4.21 17.68
C ASP A 392 -12.28 -4.71 16.31
N ILE A 393 -13.36 -5.48 16.29
CA ILE A 393 -13.94 -5.93 15.03
C ILE A 393 -15.44 -5.63 15.02
N VAL A 394 -15.95 -5.18 13.85
CA VAL A 394 -17.38 -5.11 13.58
C VAL A 394 -17.68 -6.20 12.58
N SER A 395 -18.40 -7.24 12.98
CA SER A 395 -18.72 -8.34 12.06
C SER A 395 -20.10 -8.13 11.45
N LEU A 396 -20.16 -8.20 10.12
CA LEU A 396 -21.43 -8.06 9.43
C LEU A 396 -22.06 -9.43 9.17
N ARG A 397 -23.38 -9.43 9.00
CA ARG A 397 -24.05 -10.67 8.60
C ARG A 397 -23.53 -11.14 7.25
N ASN A 398 -23.54 -12.46 7.07
CA ASN A 398 -22.88 -13.04 5.92
C ASN A 398 -23.68 -12.90 4.63
N ASP A 399 -24.98 -12.60 4.70
CA ASP A 399 -25.81 -12.50 3.52
C ASP A 399 -25.89 -11.07 2.97
N ILE A 400 -24.95 -10.20 3.31
CA ILE A 400 -24.90 -8.93 2.60
C ILE A 400 -23.56 -8.82 1.88
N ASP A 401 -23.58 -8.11 0.77
CA ASP A 401 -22.43 -8.00 -0.12
C ASP A 401 -21.93 -6.57 -0.12
N ILE A 402 -20.66 -6.38 0.17
CA ILE A 402 -20.04 -5.08 -0.01
C ILE A 402 -19.72 -4.91 -1.49
N ILE A 403 -20.18 -3.81 -2.07
CA ILE A 403 -19.90 -3.57 -3.47
C ILE A 403 -19.04 -2.35 -3.71
N GLY A 404 -18.56 -1.70 -2.66
CA GLY A 404 -17.61 -0.60 -2.80
C GLY A 404 -17.60 0.22 -1.52
N SER A 405 -16.78 1.26 -1.53
CA SER A 405 -16.62 2.08 -0.34
C SER A 405 -16.23 3.51 -0.70
N GLY A 406 -16.26 4.37 0.30
CA GLY A 406 -15.85 5.76 0.19
C GLY A 406 -15.42 6.20 1.57
N TYR A 407 -15.02 7.48 1.68
CA TYR A 407 -14.46 7.95 2.94
C TYR A 407 -14.56 9.47 2.98
N ASP A 408 -14.56 10.02 4.19
CA ASP A 408 -14.26 11.44 4.38
C ASP A 408 -13.14 11.51 5.42
N SER A 409 -12.98 12.67 6.06
CA SER A 409 -11.82 12.85 6.92
C SER A 409 -11.88 11.97 8.17
N LYS A 410 -13.08 11.58 8.62
CA LYS A 410 -13.23 10.83 9.85
C LYS A 410 -13.84 9.43 9.71
N SER A 411 -14.60 9.14 8.65
CA SER A 411 -15.39 7.92 8.62
C SER A 411 -15.13 7.12 7.35
N LEU A 412 -15.31 5.81 7.47
CA LEU A 412 -15.35 4.90 6.34
C LEU A 412 -16.81 4.66 5.96
N TYR A 413 -17.14 4.78 4.67
CA TYR A 413 -18.48 4.49 4.18
C TYR A 413 -18.42 3.24 3.31
N VAL A 414 -19.29 2.29 3.61
CA VAL A 414 -19.31 0.97 2.99
C VAL A 414 -20.63 0.83 2.23
N LEU A 415 -20.54 0.64 0.93
CA LEU A 415 -21.73 0.44 0.10
C LEU A 415 -22.09 -1.04 0.08
N THR A 416 -23.24 -1.40 0.65
CA THR A 416 -23.73 -2.77 0.61
C THR A 416 -24.87 -2.86 -0.39
N LYS A 417 -24.87 -3.93 -1.18
CA LYS A 417 -25.91 -4.09 -2.18
C LYS A 417 -27.30 -4.05 -1.55
N GLN A 418 -27.49 -4.75 -0.44
CA GLN A 418 -28.83 -4.98 0.10
C GLN A 418 -29.29 -3.89 1.07
N MET A 419 -28.37 -3.19 1.75
CA MET A 419 -28.82 -2.22 2.75
C MET A 419 -28.29 -0.81 2.52
N GLY A 420 -27.65 -0.53 1.39
CA GLY A 420 -27.18 0.81 1.14
C GLY A 420 -25.90 1.10 1.91
N VAL A 421 -25.73 2.36 2.26
CA VAL A 421 -24.46 2.85 2.78
C VAL A 421 -24.43 2.73 4.31
N LEU A 422 -23.36 2.14 4.83
CA LEU A 422 -23.06 2.07 6.25
C LEU A 422 -21.88 2.96 6.59
N GLN A 423 -22.00 3.71 7.67
CA GLN A 423 -20.93 4.57 8.13
C GLN A 423 -20.24 3.92 9.33
N PHE A 424 -18.90 3.84 9.28
CA PHE A 424 -18.06 3.35 10.38
C PHE A 424 -17.23 4.54 10.85
N PHE A 425 -17.61 5.09 12.00
CA PHE A 425 -16.93 6.26 12.56
C PHE A 425 -16.14 5.79 13.78
N VAL A 426 -14.81 5.88 13.73
CA VAL A 426 -13.98 5.46 14.85
C VAL A 426 -13.76 6.67 15.75
N LYS A 427 -13.94 6.48 17.06
CA LYS A 427 -13.76 7.58 17.99
C LYS A 427 -12.28 7.70 18.32
N GLU A 428 -11.77 8.92 18.24
CA GLU A 428 -10.34 9.14 18.45
C GLU A 428 -10.07 10.00 19.70
N GLN B 3 31.08 4.63 11.86
CA GLN B 3 32.03 3.56 11.56
C GLN B 3 31.81 2.32 12.43
N LEU B 4 31.92 1.14 11.82
CA LEU B 4 32.12 -0.11 12.56
C LEU B 4 33.62 -0.33 12.75
N VAL B 5 34.02 -0.67 13.96
CA VAL B 5 35.41 -0.93 14.24
C VAL B 5 35.52 -2.29 14.89
N GLU B 6 36.44 -3.08 14.36
CA GLU B 6 36.67 -4.44 14.76
C GLU B 6 38.11 -4.59 15.24
N SER B 7 38.31 -5.50 16.19
CA SER B 7 39.63 -5.70 16.79
C SER B 7 39.72 -7.15 17.20
N GLY B 8 40.95 -7.61 17.47
CA GLY B 8 41.19 -8.90 18.08
C GLY B 8 41.78 -10.00 17.21
N GLY B 9 42.09 -9.73 15.94
CA GLY B 9 42.60 -10.78 15.05
C GLY B 9 44.01 -11.25 15.41
N GLY B 10 44.47 -12.29 14.73
CA GLY B 10 45.84 -12.73 14.89
C GLY B 10 46.06 -14.16 14.41
N SER B 11 47.19 -14.72 14.83
CA SER B 11 47.63 -16.07 14.46
C SER B 11 47.74 -16.95 15.70
N VAL B 12 47.11 -18.12 15.66
CA VAL B 12 47.18 -19.06 16.77
C VAL B 12 47.38 -20.45 16.18
N GLN B 13 47.61 -21.41 17.08
CA GLN B 13 47.70 -22.80 16.70
C GLN B 13 46.33 -23.46 16.79
N ALA B 14 46.19 -24.57 16.06
CA ALA B 14 44.98 -25.39 16.17
C ALA B 14 44.66 -25.64 17.64
N GLY B 15 43.38 -25.54 17.98
CA GLY B 15 42.95 -25.72 19.35
C GLY B 15 43.10 -24.49 20.22
N GLY B 16 43.60 -23.40 19.66
CA GLY B 16 43.75 -22.16 20.38
C GLY B 16 42.45 -21.39 20.43
N SER B 17 42.57 -20.12 20.79
CA SER B 17 41.40 -19.30 21.08
C SER B 17 41.74 -17.85 20.74
N LEU B 18 40.77 -17.14 20.14
CA LEU B 18 40.86 -15.72 19.87
C LEU B 18 39.49 -15.09 20.09
N THR B 19 39.48 -13.80 20.45
CA THR B 19 38.24 -13.04 20.61
C THR B 19 38.27 -11.81 19.72
N LEU B 20 37.30 -11.72 18.81
CA LEU B 20 37.09 -10.54 17.98
C LEU B 20 36.06 -9.64 18.63
N SER B 21 36.23 -8.33 18.46
CA SER B 21 35.25 -7.40 18.98
C SER B 21 34.81 -6.46 17.87
N CYS B 22 33.63 -5.90 18.06
CA CYS B 22 33.02 -4.98 17.11
C CYS B 22 32.41 -3.84 17.90
N THR B 23 32.90 -2.64 17.68
CA THR B 23 32.44 -1.45 18.38
C THR B 23 31.75 -0.54 17.36
N ALA B 24 30.51 -0.18 17.66
CA ALA B 24 29.69 0.61 16.76
C ALA B 24 29.42 1.95 17.40
N SER B 25 29.38 3.01 16.59
CA SER B 25 28.98 4.33 17.06
C SER B 25 27.50 4.34 17.40
N GLU B 26 27.08 5.41 18.09
CA GLU B 26 25.68 5.57 18.43
C GLU B 26 24.79 5.59 17.19
N SER B 27 25.16 6.38 16.18
CA SER B 27 24.30 6.60 15.03
C SER B 27 24.11 5.31 14.24
N ILE B 28 25.19 4.56 14.01
CA ILE B 28 25.07 3.29 13.30
C ILE B 28 24.20 2.31 14.09
N SER B 29 24.41 2.20 15.41
CA SER B 29 23.60 1.27 16.20
C SER B 29 22.12 1.56 16.05
N LYS B 30 21.77 2.80 15.77
CA LYS B 30 20.38 3.14 15.54
C LYS B 30 19.86 2.66 14.19
N ARG B 31 20.75 2.40 13.24
CA ARG B 31 20.34 2.09 11.88
C ARG B 31 20.46 0.60 11.57
N ILE B 32 20.56 -0.25 12.61
CA ILE B 32 20.75 -1.68 12.44
C ILE B 32 19.92 -2.47 13.45
N HIS B 33 19.65 -3.72 13.08
CA HIS B 33 18.93 -4.67 13.92
C HIS B 33 19.83 -5.49 14.81
N GLY B 34 21.12 -5.54 14.52
CA GLY B 34 21.99 -6.49 15.16
C GLY B 34 23.35 -6.41 14.52
N ILE B 35 24.31 -7.07 15.16
CA ILE B 35 25.70 -7.11 14.72
C ILE B 35 26.06 -8.56 14.48
N GLY B 36 26.78 -8.80 13.39
CA GLY B 36 27.14 -10.14 12.98
C GLY B 36 28.58 -10.19 12.51
N TRP B 37 29.02 -11.39 12.15
CA TRP B 37 30.36 -11.61 11.61
C TRP B 37 30.25 -12.45 10.35
N PHE B 38 30.97 -12.02 9.31
CA PHE B 38 31.09 -12.77 8.07
C PHE B 38 32.52 -13.29 7.97
N ARG B 39 32.66 -14.51 7.50
CA ARG B 39 33.96 -15.12 7.26
C ARG B 39 34.17 -15.20 5.76
N GLN B 40 35.36 -14.87 5.30
CA GLN B 40 35.68 -15.03 3.88
C GLN B 40 37.00 -15.77 3.79
N ARG B 41 36.97 -17.06 3.48
CA ARG B 41 38.19 -17.78 3.15
C ARG B 41 38.68 -17.28 1.80
N ARG B 42 39.94 -17.55 1.47
CA ARG B 42 40.34 -16.88 0.24
C ARG B 42 39.78 -17.64 -0.94
N GLY B 43 39.52 -16.92 -2.02
CA GLY B 43 38.94 -17.52 -3.20
C GLY B 43 37.54 -18.06 -2.94
N GLU B 44 36.93 -17.66 -1.83
CA GLU B 44 35.55 -17.98 -1.50
C GLU B 44 34.76 -16.69 -1.30
N GLN B 45 33.45 -16.82 -1.17
CA GLN B 45 32.68 -15.62 -0.89
C GLN B 45 32.47 -15.47 0.61
N ARG B 46 32.12 -14.25 1.02
CA ARG B 46 31.79 -13.97 2.41
C ARG B 46 30.62 -14.84 2.85
N GLU B 47 30.61 -15.22 4.13
CA GLU B 47 29.53 -16.03 4.63
C GLU B 47 29.28 -15.67 6.09
N GLU B 48 28.01 -15.43 6.43
CA GLU B 48 27.66 -15.02 7.79
C GLU B 48 27.74 -16.22 8.72
N ILE B 49 28.47 -16.08 9.82
CA ILE B 49 28.66 -17.18 10.76
C ILE B 49 28.15 -16.87 12.16
N ALA B 50 27.76 -15.64 12.44
CA ALA B 50 27.33 -15.31 13.80
C ALA B 50 26.58 -14.00 13.76
N TYR B 51 25.61 -13.87 14.66
CA TYR B 51 24.75 -12.71 14.67
C TYR B 51 24.13 -12.61 16.05
N ILE B 52 23.95 -11.38 16.52
CA ILE B 52 23.26 -11.15 17.77
C ILE B 52 22.39 -9.91 17.58
N THR B 53 21.11 -10.03 17.92
CA THR B 53 20.22 -8.89 17.77
C THR B 53 20.55 -7.82 18.81
N THR B 54 20.01 -6.62 18.58
CA THR B 54 20.19 -5.56 19.55
C THR B 54 19.68 -5.97 20.93
N GLY B 55 18.66 -6.83 20.99
CA GLY B 55 18.10 -7.39 22.21
C GLY B 55 18.87 -8.57 22.80
N GLY B 56 20.00 -8.96 22.23
CA GLY B 56 20.83 -9.99 22.80
C GLY B 56 20.52 -11.41 22.39
N ARG B 57 19.68 -11.61 21.37
CA ARG B 57 19.32 -12.93 20.85
C ARG B 57 20.49 -13.42 19.99
N PRO B 58 21.30 -14.38 20.44
CA PRO B 58 22.44 -14.82 19.64
C PRO B 58 22.07 -15.90 18.64
N ASN B 59 22.85 -15.97 17.55
CA ASN B 59 22.69 -17.04 16.56
C ASN B 59 24.04 -17.38 15.94
N LEU B 60 24.35 -18.67 15.84
CA LEU B 60 25.62 -19.15 15.32
C LEU B 60 25.42 -20.08 14.13
N GLY B 61 26.23 -19.92 13.09
CA GLY B 61 26.15 -20.84 11.96
C GLY B 61 26.60 -22.24 12.34
N ASP B 62 26.13 -23.21 11.56
CA ASP B 62 26.33 -24.62 11.93
C ASP B 62 27.80 -24.98 12.03
N SER B 63 28.64 -24.35 11.21
CA SER B 63 30.05 -24.68 11.24
C SER B 63 30.78 -24.11 12.45
N VAL B 64 30.17 -23.23 13.25
CA VAL B 64 30.89 -22.68 14.39
C VAL B 64 30.13 -22.82 15.71
N LYS B 65 28.90 -23.32 15.66
CA LYS B 65 28.01 -23.08 16.79
C LYS B 65 28.42 -23.89 18.03
N ASP B 66 29.20 -24.95 17.91
CA ASP B 66 29.66 -25.53 19.16
C ASP B 66 30.99 -24.95 19.64
N ARG B 67 31.62 -24.09 18.87
CA ARG B 67 32.98 -23.65 19.17
C ARG B 67 33.06 -22.19 19.52
N PHE B 68 32.28 -21.34 18.85
CA PHE B 68 32.30 -19.90 19.04
C PHE B 68 31.12 -19.46 19.91
N THR B 69 31.28 -18.31 20.56
CA THR B 69 30.21 -17.65 21.31
C THR B 69 30.14 -16.20 20.88
N ILE B 70 28.93 -15.69 20.67
CA ILE B 70 28.75 -14.29 20.40
C ILE B 70 27.99 -13.67 21.57
N SER B 71 28.50 -12.56 22.11
CA SER B 71 27.83 -11.90 23.21
C SER B 71 27.93 -10.39 23.03
N ARG B 72 27.14 -9.66 23.80
CA ARG B 72 27.22 -8.22 23.84
C ARG B 72 27.50 -7.75 25.25
N ASP B 73 28.37 -6.75 25.37
CA ASP B 73 28.50 -5.98 26.61
C ASP B 73 27.57 -4.77 26.54
N LYS B 74 26.53 -4.78 27.37
CA LYS B 74 25.58 -3.67 27.36
C LYS B 74 26.17 -2.39 27.93
N SER B 75 27.29 -2.46 28.66
CA SER B 75 27.87 -1.24 29.22
C SER B 75 28.41 -0.33 28.12
N ASN B 76 28.94 -0.90 27.05
CA ASN B 76 29.41 -0.09 25.94
C ASN B 76 28.84 -0.51 24.60
N GLY B 77 27.99 -1.54 24.56
CA GLY B 77 27.44 -2.00 23.30
C GLY B 77 28.39 -2.82 22.45
N THR B 78 29.62 -3.03 22.89
CA THR B 78 30.54 -3.81 22.08
C THR B 78 30.07 -5.25 22.00
N VAL B 79 30.22 -5.84 20.83
CA VAL B 79 29.83 -7.21 20.57
C VAL B 79 31.09 -8.03 20.35
N TYR B 80 31.12 -9.22 20.96
CA TYR B 80 32.32 -10.05 20.99
C TYR B 80 32.04 -11.41 20.37
N LEU B 81 32.96 -11.87 19.51
CA LEU B 81 32.91 -13.23 18.98
C LEU B 81 34.09 -13.97 19.57
N GLN B 82 33.84 -14.84 20.55
CA GLN B 82 34.91 -15.61 21.17
C GLN B 82 35.08 -16.91 20.41
N MET B 83 36.25 -17.10 19.83
CA MET B 83 36.50 -18.21 18.91
C MET B 83 37.36 -19.22 19.65
N ASN B 84 36.73 -20.26 20.18
CA ASN B 84 37.47 -21.33 20.80
C ASN B 84 37.58 -22.49 19.81
N SER B 85 38.34 -23.51 20.19
CA SER B 85 38.40 -24.76 19.41
C SER B 85 38.79 -24.51 17.96
N LEU B 86 39.66 -23.52 17.73
CA LEU B 86 40.01 -23.12 16.36
C LEU B 86 40.68 -24.25 15.58
N LYS B 87 40.45 -24.20 14.27
CA LYS B 87 40.89 -25.14 13.25
C LYS B 87 41.62 -24.42 12.13
N PRO B 88 42.51 -25.11 11.40
CA PRO B 88 43.12 -24.49 10.22
C PRO B 88 42.09 -23.95 9.24
N GLU B 89 40.96 -24.62 9.07
CA GLU B 89 40.00 -24.10 8.12
C GLU B 89 39.22 -22.89 8.63
N ASP B 90 39.45 -22.46 9.88
CA ASP B 90 38.93 -21.17 10.29
C ASP B 90 39.77 -20.02 9.73
N THR B 91 40.86 -20.32 9.05
CA THR B 91 41.71 -19.25 8.51
C THR B 91 40.94 -18.48 7.47
N ALA B 92 40.76 -17.19 7.71
CA ALA B 92 39.95 -16.34 6.83
C ALA B 92 40.08 -14.91 7.30
N VAL B 93 39.62 -13.99 6.45
CA VAL B 93 39.31 -12.64 6.89
C VAL B 93 37.92 -12.64 7.52
N TYR B 94 37.79 -12.01 8.68
CA TYR B 94 36.52 -11.89 9.38
C TYR B 94 36.07 -10.43 9.36
N TYR B 95 34.82 -10.22 8.96
CA TYR B 95 34.24 -8.88 8.88
C TYR B 95 33.13 -8.77 9.90
N CYS B 96 33.17 -7.73 10.73
CA CYS B 96 31.95 -7.47 11.46
C CYS B 96 30.96 -6.76 10.54
N HIS B 97 29.69 -6.83 10.92
CA HIS B 97 28.63 -6.48 10.00
C HIS B 97 27.41 -5.97 10.76
N GLY B 98 26.84 -4.87 10.29
CA GLY B 98 25.61 -4.39 10.87
C GLY B 98 24.48 -4.62 9.91
N ARG B 99 23.43 -5.32 10.36
CA ARG B 99 22.28 -5.64 9.50
C ARG B 99 21.34 -4.43 9.47
N GLY B 100 21.30 -3.74 8.34
CA GLY B 100 20.67 -2.44 8.31
C GLY B 100 19.16 -2.48 8.47
N ARG B 101 18.64 -1.42 9.06
CA ARG B 101 17.20 -1.19 9.09
C ARG B 101 16.69 -0.48 7.84
N TRP B 102 17.55 0.21 7.10
CA TRP B 102 17.15 0.97 5.93
C TRP B 102 17.39 0.15 4.67
N TRP B 103 16.58 0.43 3.64
CA TRP B 103 16.57 -0.30 2.39
C TRP B 103 16.60 0.68 1.22
N GLY B 104 17.36 0.36 0.19
CA GLY B 104 17.42 1.23 -0.95
C GLY B 104 17.15 0.46 -2.21
N THR B 105 17.47 1.07 -3.35
CA THR B 105 17.24 0.44 -4.64
C THR B 105 18.08 -0.82 -4.81
N GLU B 106 19.24 -0.87 -4.16
CA GLU B 106 20.13 -2.02 -4.23
C GLU B 106 19.87 -3.02 -3.11
N GLY B 107 18.84 -2.82 -2.30
CA GLY B 107 18.54 -3.73 -1.22
C GLY B 107 18.84 -3.13 0.14
N ARG B 108 18.93 -4.02 1.14
CA ARG B 108 19.19 -3.59 2.50
C ARG B 108 20.52 -2.87 2.60
N LEU B 109 20.55 -1.76 3.35
CA LEU B 109 21.76 -0.92 3.48
C LEU B 109 22.51 -1.33 4.74
N ASP B 110 23.48 -2.23 4.59
CA ASP B 110 24.22 -2.78 5.73
C ASP B 110 25.52 -2.00 5.95
N TYR B 111 26.14 -2.26 7.11
CA TYR B 111 27.43 -1.65 7.46
C TYR B 111 28.47 -2.74 7.64
N TRP B 112 29.68 -2.47 7.16
CA TRP B 112 30.77 -3.43 7.17
C TRP B 112 31.95 -2.89 7.95
N GLY B 113 32.63 -3.76 8.69
CA GLY B 113 33.94 -3.42 9.17
C GLY B 113 34.98 -3.59 8.07
N GLN B 114 36.22 -3.18 8.37
CA GLN B 114 37.31 -3.28 7.41
C GLN B 114 37.82 -4.71 7.25
N GLY B 115 37.56 -5.58 8.22
CA GLY B 115 37.96 -6.96 8.07
C GLY B 115 39.31 -7.23 8.71
N THR B 116 39.41 -8.32 9.46
CA THR B 116 40.62 -8.67 10.19
C THR B 116 41.00 -10.11 9.88
N GLN B 117 42.30 -10.36 9.79
CA GLN B 117 42.81 -11.67 9.43
C GLN B 117 42.91 -12.56 10.67
N VAL B 118 42.38 -13.77 10.57
CA VAL B 118 42.63 -14.84 11.54
C VAL B 118 43.32 -15.97 10.80
N THR B 119 44.43 -16.48 11.37
CA THR B 119 45.19 -17.57 10.80
C THR B 119 45.40 -18.64 11.86
N VAL B 120 45.03 -19.88 11.53
CA VAL B 120 45.19 -21.01 12.44
C VAL B 120 46.09 -22.02 11.77
N SER B 121 47.25 -22.31 12.39
CA SER B 121 48.19 -23.30 11.92
C SER B 121 47.99 -24.64 12.63
N SER B 122 48.35 -25.71 11.95
CA SER B 122 48.34 -27.02 12.59
C SER B 122 49.75 -27.61 12.62
#